data_3RMH
#
_entry.id   3RMH
#
_cell.length_a   62.087
_cell.length_b   39.046
_cell.length_c   63.100
_cell.angle_alpha   90.00
_cell.angle_beta   108.84
_cell.angle_gamma   90.00
#
_symmetry.space_group_name_H-M   'P 1 21 1'
#
loop_
_entity.id
_entity.type
_entity.pdbx_description
1 polymer 'Yeast Cdc13 OB4'
2 water water
#
_entity_poly.entity_id   1
_entity_poly.type   'polypeptide(L)'
_entity_poly.pdbx_seq_one_letter_code
;GSTDITQYEVVEDHNISQLNHLQHLTPKIYVLNVYIIDVEIVYDQEIRIKVVNELPLVGKYVPPVDILEVYITGKEEVQN
FLGDEVLTMDIFTPLLNETSRLRVFQRPSKTDRIIRWSPIECTIQELRLQRMFRLRDTIKVEETLSLTQ
;
_entity_poly.pdbx_strand_id   A,B
#
# COMPACT_ATOMS: atom_id res chain seq x y z
N GLN A 7 -19.90 9.48 4.78
CA GLN A 7 -20.87 9.28 3.73
C GLN A 7 -21.88 10.43 3.67
N TYR A 8 -21.92 11.25 4.72
CA TYR A 8 -22.86 12.38 4.74
C TYR A 8 -22.27 13.75 5.10
N GLU A 9 -21.47 13.82 6.16
CA GLU A 9 -20.88 15.10 6.52
C GLU A 9 -19.67 15.37 5.65
N VAL A 10 -19.62 16.53 5.02
CA VAL A 10 -18.47 16.88 4.19
C VAL A 10 -17.46 17.70 5.01
N VAL A 11 -16.23 17.20 5.09
CA VAL A 11 -15.21 17.89 5.87
C VAL A 11 -13.97 18.18 5.03
N GLU A 12 -13.26 19.23 5.40
CA GLU A 12 -11.99 19.57 4.76
C GLU A 12 -10.86 18.98 5.58
N ASP A 13 -10.05 18.13 4.95
CA ASP A 13 -8.97 17.46 5.66
C ASP A 13 -7.59 17.67 5.02
N HIS A 14 -6.60 17.96 5.84
CA HIS A 14 -5.25 18.27 5.37
C HIS A 14 -4.22 17.34 5.97
N ASN A 15 -4.62 16.11 6.27
CA ASN A 15 -3.73 15.19 6.93
C ASN A 15 -4.07 13.75 6.57
N ILE A 16 -3.44 13.26 5.52
CA ILE A 16 -3.60 11.89 5.07
C ILE A 16 -3.17 10.91 6.16
N SER A 17 -2.22 11.32 6.97
CA SER A 17 -1.77 10.50 8.08
C SER A 17 -2.94 10.23 9.02
N GLN A 18 -3.73 11.26 9.30
CA GLN A 18 -4.88 11.11 10.18
C GLN A 18 -5.88 10.14 9.57
N LEU A 19 -6.16 10.31 8.29
CA LEU A 19 -7.11 9.43 7.62
C LEU A 19 -6.65 7.98 7.74
N ASN A 20 -5.35 7.77 7.55
CA ASN A 20 -4.83 6.39 7.59
C ASN A 20 -4.97 5.72 8.95
N HIS A 21 -5.25 6.51 9.97
CA HIS A 21 -5.38 5.99 11.34
C HIS A 21 -6.82 5.73 11.79
N LEU A 22 -7.78 6.31 11.08
CA LEU A 22 -9.18 6.15 11.50
C LEU A 22 -9.52 4.67 11.59
N GLN A 23 -9.74 4.19 12.82
CA GLN A 23 -9.99 2.77 13.09
C GLN A 23 -11.37 2.31 12.64
N HIS A 24 -12.33 3.23 12.61
CA HIS A 24 -13.71 2.86 12.38
C HIS A 24 -14.27 3.54 11.15
N LEU A 25 -15.30 2.94 10.57
CA LEU A 25 -16.04 3.58 9.50
C LEU A 25 -16.69 4.85 10.03
N THR A 26 -16.63 5.92 9.24
CA THR A 26 -17.31 7.17 9.56
C THR A 26 -18.29 7.52 8.46
N PRO A 27 -19.22 8.42 8.78
CA PRO A 27 -20.15 8.93 7.78
C PRO A 27 -19.69 10.30 7.31
N LYS A 28 -18.45 10.36 6.80
CA LYS A 28 -17.86 11.62 6.38
C LYS A 28 -17.29 11.47 4.96
N ILE A 29 -17.40 12.54 4.19
CA ILE A 29 -16.69 12.67 2.91
C ILE A 29 -15.59 13.69 3.14
N TYR A 30 -14.36 13.29 2.85
CA TYR A 30 -13.19 14.12 3.12
C TYR A 30 -12.70 14.75 1.81
N VAL A 31 -12.69 16.08 1.77
CA VAL A 31 -12.19 16.81 0.59
C VAL A 31 -10.69 16.95 0.72
N LEU A 32 -9.95 16.52 -0.31
CA LEU A 32 -8.49 16.54 -0.30
C LEU A 32 -7.97 17.29 -1.52
N ASN A 33 -6.96 18.12 -1.32
CA ASN A 33 -6.26 18.71 -2.45
C ASN A 33 -4.84 18.19 -2.41
N VAL A 34 -4.56 17.21 -3.25
CA VAL A 34 -3.37 16.36 -3.08
C VAL A 34 -2.66 16.07 -4.39
N TYR A 35 -1.43 15.60 -4.30
CA TYR A 35 -0.66 15.20 -5.48
C TYR A 35 -0.87 13.74 -5.77
N ILE A 36 -1.19 13.42 -7.03
CA ILE A 36 -1.20 12.03 -7.45
C ILE A 36 0.25 11.63 -7.77
N ILE A 37 0.76 10.60 -7.11
CA ILE A 37 2.17 10.25 -7.31
C ILE A 37 2.39 8.87 -7.92
N ASP A 38 1.32 8.07 -8.01
CA ASP A 38 1.44 6.76 -8.62
C ASP A 38 0.06 6.31 -9.01
N VAL A 39 -0.06 5.64 -10.14
CA VAL A 39 -1.32 4.99 -10.48
C VAL A 39 -1.06 3.57 -10.92
N GLU A 40 -1.90 2.65 -10.45
CA GLU A 40 -1.76 1.25 -10.82
C GLU A 40 -3.10 0.76 -11.36
N ILE A 41 -3.05 -0.02 -12.45
CA ILE A 41 -4.26 -0.54 -13.09
C ILE A 41 -4.27 -2.05 -13.00
N VAL A 42 -5.40 -2.61 -12.58
CA VAL A 42 -5.55 -4.05 -12.43
C VAL A 42 -6.69 -4.60 -13.27
N TYR A 43 -6.37 -4.99 -14.52
CA TYR A 43 -7.27 -5.81 -15.34
C TYR A 43 -8.61 -5.20 -15.74
N ASP A 44 -8.71 -3.89 -15.84
CA ASP A 44 -10.01 -3.27 -16.11
C ASP A 44 -10.98 -3.56 -14.96
N GLN A 45 -10.42 -4.02 -13.84
CA GLN A 45 -11.21 -4.34 -12.66
C GLN A 45 -10.97 -3.35 -11.53
N GLU A 46 -9.82 -2.68 -11.53
CA GLU A 46 -9.50 -1.76 -10.45
C GLU A 46 -8.42 -0.74 -10.80
N ILE A 47 -8.60 0.47 -10.30
CA ILE A 47 -7.61 1.52 -10.44
C ILE A 47 -7.22 1.91 -9.01
N ARG A 48 -5.91 1.89 -8.72
CA ARG A 48 -5.38 2.34 -7.45
C ARG A 48 -4.53 3.58 -7.61
N ILE A 49 -4.91 4.62 -6.87
CA ILE A 49 -4.28 5.92 -7.00
C ILE A 49 -3.60 6.30 -5.68
N LYS A 50 -2.30 6.57 -5.72
CA LYS A 50 -1.60 6.96 -4.51
C LYS A 50 -1.45 8.48 -4.47
N VAL A 51 -1.85 9.07 -3.36
CA VAL A 51 -1.77 10.53 -3.21
C VAL A 51 -1.06 10.93 -1.93
N VAL A 52 -0.49 12.13 -1.95
CA VAL A 52 0.20 12.72 -0.81
C VAL A 52 -0.17 14.21 -0.71
N ASN A 53 -0.13 14.76 0.51
CA ASN A 53 -0.41 16.18 0.72
C ASN A 53 0.67 17.07 0.13
N GLU A 54 1.92 16.60 0.16
CA GLU A 54 3.06 17.39 -0.33
C GLU A 54 4.09 16.51 -1.01
N LEU A 55 4.68 16.98 -2.10
CA LEU A 55 5.78 16.25 -2.74
C LEU A 55 7.04 16.31 -1.89
N PRO A 56 7.81 15.21 -1.83
CA PRO A 56 9.06 15.19 -1.06
C PRO A 56 10.12 16.15 -1.58
N LEU A 57 10.76 16.90 -0.68
CA LEU A 57 11.85 17.81 -1.09
C LEU A 57 13.12 17.01 -1.45
N VAL A 58 14.08 17.71 -2.05
CA VAL A 58 15.21 17.05 -2.72
C VAL A 58 15.90 15.89 -1.99
N GLY A 59 16.21 16.06 -0.70
CA GLY A 59 16.84 14.99 0.04
C GLY A 59 15.92 13.99 0.75
N LYS A 60 14.61 14.19 0.65
CA LYS A 60 13.66 13.50 1.51
C LYS A 60 12.91 12.28 0.93
N TYR A 61 12.12 11.63 1.77
CA TYR A 61 11.34 10.45 1.38
C TYR A 61 9.91 10.57 1.91
N VAL A 62 8.99 9.82 1.30
CA VAL A 62 7.62 9.73 1.77
C VAL A 62 7.42 8.40 2.52
N PRO A 63 7.03 8.47 3.80
CA PRO A 63 6.73 7.24 4.54
C PRO A 63 5.32 6.77 4.20
N PRO A 64 5.06 5.47 4.33
CA PRO A 64 3.77 4.89 3.94
C PRO A 64 2.57 5.58 4.58
N VAL A 65 2.71 6.03 5.82
CA VAL A 65 1.56 6.61 6.52
C VAL A 65 1.12 7.93 5.87
N ASP A 66 2.02 8.57 5.14
CA ASP A 66 1.68 9.83 4.46
C ASP A 66 1.06 9.61 3.09
N ILE A 67 0.86 8.36 2.69
CA ILE A 67 0.30 8.08 1.37
C ILE A 67 -1.09 7.52 1.54
N LEU A 68 -2.06 8.10 0.86
CA LEU A 68 -3.41 7.53 0.85
C LEU A 68 -3.59 6.73 -0.43
N GLU A 69 -3.94 5.45 -0.29
CA GLU A 69 -4.25 4.67 -1.48
C GLU A 69 -5.76 4.70 -1.75
N VAL A 70 -6.12 5.23 -2.92
CA VAL A 70 -7.50 5.42 -3.29
C VAL A 70 -7.90 4.40 -4.35
N TYR A 71 -9.00 3.71 -4.13
CA TYR A 71 -9.43 2.59 -4.97
C TYR A 71 -10.68 2.86 -5.78
N ILE A 72 -10.59 2.62 -7.08
CA ILE A 72 -11.78 2.60 -7.92
C ILE A 72 -11.98 1.14 -8.32
N THR A 73 -12.99 0.50 -7.76
CA THR A 73 -13.04 -0.97 -7.73
C THR A 73 -14.28 -1.56 -8.40
N GLY A 74 -14.06 -2.49 -9.33
CA GLY A 74 -15.15 -3.15 -10.02
C GLY A 74 -15.47 -2.57 -11.39
N LYS A 75 -16.15 -3.37 -12.21
CA LYS A 75 -16.48 -2.96 -13.57
C LYS A 75 -17.32 -1.69 -13.59
N GLU A 76 -18.33 -1.63 -12.73
CA GLU A 76 -19.20 -0.45 -12.65
C GLU A 76 -18.42 0.85 -12.36
N GLU A 77 -17.67 0.85 -11.26
CA GLU A 77 -16.95 2.06 -10.86
C GLU A 77 -15.90 2.48 -11.88
N VAL A 78 -15.15 1.50 -12.38
CA VAL A 78 -14.13 1.79 -13.40
C VAL A 78 -14.77 2.44 -14.63
N GLN A 79 -15.88 1.87 -15.10
CA GLN A 79 -16.57 2.37 -16.27
C GLN A 79 -17.14 3.77 -16.05
N ASN A 80 -17.63 4.04 -14.84
CA ASN A 80 -18.08 5.37 -14.49
C ASN A 80 -16.92 6.37 -14.51
N PHE A 81 -15.78 5.96 -13.98
CA PHE A 81 -14.60 6.83 -13.98
C PHE A 81 -14.18 7.20 -15.40
N LEU A 82 -14.25 6.24 -16.32
CA LEU A 82 -13.73 6.43 -17.67
C LEU A 82 -14.67 7.19 -18.61
N GLY A 83 -15.98 6.97 -18.44
CA GLY A 83 -16.92 7.46 -19.42
C GLY A 83 -16.60 6.80 -20.75
N ASP A 84 -16.59 7.61 -21.82
CA ASP A 84 -16.27 7.13 -23.16
C ASP A 84 -14.77 7.22 -23.44
N GLU A 85 -13.96 6.63 -22.56
CA GLU A 85 -12.51 6.70 -22.69
C GLU A 85 -11.89 5.31 -22.50
N VAL A 86 -10.73 5.10 -23.11
CA VAL A 86 -10.06 3.80 -23.06
C VAL A 86 -9.09 3.72 -21.88
N LEU A 87 -9.19 2.65 -21.11
CA LEU A 87 -8.29 2.47 -19.96
C LEU A 87 -6.87 2.10 -20.40
N THR A 88 -5.97 3.07 -20.31
CA THR A 88 -4.53 2.83 -20.48
C THR A 88 -3.80 3.67 -19.45
N MET A 89 -2.54 3.36 -19.19
CA MET A 89 -1.77 4.16 -18.24
C MET A 89 -1.58 5.61 -18.74
N ASP A 90 -1.56 5.83 -20.05
CA ASP A 90 -1.24 7.17 -20.54
C ASP A 90 -2.33 8.21 -20.27
N ILE A 91 -3.55 7.80 -19.90
CA ILE A 91 -4.54 8.80 -19.53
C ILE A 91 -4.14 9.45 -18.20
N PHE A 92 -3.28 8.80 -17.42
CA PHE A 92 -2.91 9.36 -16.12
C PHE A 92 -1.66 10.24 -16.19
N THR A 93 -0.94 10.18 -17.29
CA THR A 93 0.33 10.92 -17.40
C THR A 93 0.25 12.41 -17.04
N PRO A 94 -0.75 13.14 -17.58
CA PRO A 94 -0.83 14.57 -17.22
C PRO A 94 -1.23 14.83 -15.76
N LEU A 95 -1.72 13.81 -15.06
CA LEU A 95 -2.12 13.98 -13.66
C LEU A 95 -0.97 13.73 -12.65
N LEU A 96 0.06 13.01 -13.07
CA LEU A 96 1.11 12.59 -12.14
C LEU A 96 1.89 13.80 -11.63
N ASN A 97 2.20 13.78 -10.33
CA ASN A 97 3.00 14.84 -9.72
C ASN A 97 2.38 16.23 -9.79
N GLU A 98 1.06 16.29 -9.89
CA GLU A 98 0.35 17.56 -9.86
C GLU A 98 -0.79 17.40 -8.87
N THR A 99 -1.34 18.52 -8.42
CA THR A 99 -2.43 18.46 -7.43
C THR A 99 -3.75 18.26 -8.11
N SER A 100 -4.62 17.46 -7.49
CA SER A 100 -6.00 17.32 -7.95
C SER A 100 -6.85 17.41 -6.69
N ARG A 101 -8.08 17.87 -6.83
CA ARG A 101 -9.02 17.83 -5.72
C ARG A 101 -9.82 16.53 -5.78
N LEU A 102 -9.82 15.78 -4.68
CA LEU A 102 -10.61 14.54 -4.60
C LEU A 102 -11.50 14.59 -3.36
N ARG A 103 -12.62 13.89 -3.42
CA ARG A 103 -13.49 13.76 -2.26
C ARG A 103 -13.54 12.27 -2.00
N VAL A 104 -13.09 11.86 -0.81
CA VAL A 104 -12.96 10.42 -0.53
C VAL A 104 -13.76 9.97 0.68
N PHE A 105 -14.03 8.67 0.76
CA PHE A 105 -14.72 8.07 1.90
C PHE A 105 -14.20 6.65 2.13
N GLN A 106 -14.51 6.07 3.29
CA GLN A 106 -14.08 4.70 3.60
C GLN A 106 -15.11 3.67 3.12
N ARG A 107 -14.65 2.69 2.34
CA ARG A 107 -15.53 1.60 1.91
C ARG A 107 -15.43 0.51 2.96
N PRO A 108 -16.57 -0.16 3.24
CA PRO A 108 -16.67 -1.19 4.28
C PRO A 108 -15.32 -1.69 4.83
N ASP A 112 -13.73 -5.31 2.95
CA ASP A 112 -13.53 -6.63 3.55
C ASP A 112 -13.32 -6.36 5.04
N ARG A 113 -12.21 -6.81 5.61
CA ARG A 113 -11.83 -6.39 6.95
C ARG A 113 -10.82 -5.22 6.94
N ILE A 114 -10.22 -4.96 5.80
CA ILE A 114 -9.33 -3.81 5.64
C ILE A 114 -10.15 -2.60 5.20
N ILE A 115 -9.90 -1.44 5.80
CA ILE A 115 -10.56 -0.22 5.38
C ILE A 115 -9.91 0.29 4.10
N ARG A 116 -10.73 0.59 3.10
CA ARG A 116 -10.18 1.13 1.89
C ARG A 116 -10.84 2.44 1.59
N TRP A 117 -10.06 3.36 1.06
CA TRP A 117 -10.56 4.68 0.68
C TRP A 117 -10.92 4.68 -0.79
N SER A 118 -12.02 5.36 -1.12
CA SER A 118 -12.51 5.42 -2.49
C SER A 118 -12.94 6.84 -2.75
N PRO A 119 -12.88 7.26 -4.01
CA PRO A 119 -13.32 8.62 -4.33
C PRO A 119 -14.77 8.67 -4.78
N ILE A 120 -15.36 9.85 -4.68
CA ILE A 120 -16.77 10.06 -5.00
C ILE A 120 -16.92 10.90 -6.25
N GLU A 121 -17.75 10.44 -7.17
CA GLU A 121 -18.02 11.20 -8.40
C GLU A 121 -16.72 11.66 -9.05
N CYS A 122 -15.74 10.75 -9.12
CA CYS A 122 -14.46 11.05 -9.75
C CYS A 122 -14.46 10.47 -11.17
N THR A 123 -14.12 11.31 -12.15
CA THR A 123 -14.02 10.85 -13.54
C THR A 123 -12.74 11.38 -14.17
N ILE A 124 -12.23 10.68 -15.18
CA ILE A 124 -11.05 11.17 -15.89
C ILE A 124 -11.38 12.51 -16.54
N GLN A 125 -12.60 12.68 -17.04
CA GLN A 125 -12.99 13.97 -17.63
C GLN A 125 -12.90 15.13 -16.63
N GLU A 126 -13.38 14.92 -15.42
CA GLU A 126 -13.32 15.97 -14.41
C GLU A 126 -11.89 16.28 -13.95
N LEU A 127 -11.04 15.25 -13.84
CA LEU A 127 -9.64 15.45 -13.45
C LEU A 127 -8.92 16.23 -14.55
N ARG A 128 -9.29 15.98 -15.79
CA ARG A 128 -8.68 16.69 -16.91
C ARG A 128 -9.09 18.15 -16.89
N LEU A 129 -10.34 18.39 -16.54
CA LEU A 129 -10.86 19.75 -16.45
C LEU A 129 -10.18 20.49 -15.30
N GLN A 130 -9.91 19.80 -14.21
CA GLN A 130 -9.20 20.43 -13.11
C GLN A 130 -7.83 20.90 -13.56
N ARG A 131 -7.18 20.08 -14.37
CA ARG A 131 -5.86 20.43 -14.88
C ARG A 131 -5.91 21.64 -15.80
N MET A 132 -6.90 21.68 -16.69
CA MET A 132 -7.10 22.86 -17.54
C MET A 132 -7.31 24.13 -16.72
N PHE A 133 -8.11 24.06 -15.66
CA PHE A 133 -8.29 25.23 -14.81
C PHE A 133 -6.96 25.64 -14.19
N ARG A 134 -6.25 24.66 -13.64
CA ARG A 134 -4.94 24.87 -13.02
C ARG A 134 -3.99 25.57 -13.98
N LEU A 135 -3.96 25.09 -15.23
CA LEU A 135 -3.02 25.58 -16.23
C LEU A 135 -3.43 26.94 -16.81
N ARG A 136 -4.61 27.43 -16.45
CA ARG A 136 -5.09 28.75 -16.85
C ARG A 136 -3.93 29.74 -16.97
N SER B 2 21.08 -6.61 -3.02
CA SER B 2 21.61 -5.41 -3.67
C SER B 2 21.47 -4.17 -2.79
N THR B 3 21.54 -4.38 -1.48
CA THR B 3 21.67 -3.29 -0.52
C THR B 3 22.53 -3.77 0.64
N ASP B 4 23.42 -2.90 1.12
CA ASP B 4 24.28 -3.26 2.23
C ASP B 4 23.56 -3.01 3.56
N ILE B 5 23.19 -4.11 4.22
CA ILE B 5 22.51 -4.03 5.51
C ILE B 5 23.35 -4.67 6.61
N THR B 6 24.62 -4.93 6.28
CA THR B 6 25.54 -5.57 7.22
C THR B 6 25.83 -4.65 8.41
N GLN B 7 25.71 -3.35 8.18
CA GLN B 7 25.95 -2.38 9.25
C GLN B 7 24.76 -2.30 10.22
N TYR B 8 23.56 -2.62 9.73
CA TYR B 8 22.32 -2.37 10.47
C TYR B 8 22.25 -3.07 11.84
N GLU B 9 21.72 -2.36 12.84
CA GLU B 9 21.44 -3.01 14.11
C GLU B 9 20.04 -3.63 14.12
N VAL B 10 19.96 -4.81 14.69
CA VAL B 10 18.72 -5.56 14.73
C VAL B 10 17.95 -5.19 15.99
N VAL B 11 16.70 -4.78 15.82
CA VAL B 11 15.90 -4.34 16.96
C VAL B 11 14.58 -5.09 17.00
N GLU B 12 13.96 -5.08 18.17
CA GLU B 12 12.71 -5.82 18.39
C GLU B 12 11.47 -4.93 18.38
N ASP B 13 11.66 -3.64 18.12
CA ASP B 13 10.54 -2.73 17.90
C ASP B 13 9.62 -3.32 16.82
N HIS B 14 8.31 -3.22 17.03
CA HIS B 14 7.39 -3.86 16.11
C HIS B 14 6.04 -3.16 15.94
N ASN B 15 5.85 -2.01 16.58
CA ASN B 15 4.60 -1.30 16.36
C ASN B 15 4.56 -0.88 14.90
N ILE B 16 3.75 -1.56 14.11
CA ILE B 16 3.67 -1.32 12.67
C ILE B 16 3.23 0.10 12.36
N SER B 17 2.27 0.61 13.13
CA SER B 17 1.83 2.00 12.99
C SER B 17 3.00 2.96 13.13
N GLN B 18 3.90 2.67 14.06
CA GLN B 18 5.09 3.49 14.27
C GLN B 18 6.08 3.35 13.11
N LEU B 19 6.19 2.15 12.56
CA LEU B 19 7.09 1.90 11.46
C LEU B 19 6.65 2.64 10.20
N ASN B 20 5.33 2.69 9.99
CA ASN B 20 4.79 3.37 8.81
C ASN B 20 4.97 4.87 8.84
N HIS B 21 5.29 5.40 10.01
CA HIS B 21 5.49 6.85 10.13
C HIS B 21 6.95 7.27 9.97
N LEU B 22 7.87 6.32 10.02
CA LEU B 22 9.30 6.65 9.94
C LEU B 22 9.62 7.35 8.63
N GLN B 23 9.98 8.62 8.74
CA GLN B 23 10.21 9.50 7.61
C GLN B 23 11.59 9.33 6.98
N HIS B 24 12.57 9.00 7.81
CA HIS B 24 13.94 8.90 7.32
C HIS B 24 14.39 7.46 7.31
N LEU B 25 15.25 7.12 6.36
CA LEU B 25 15.85 5.79 6.32
C LEU B 25 16.61 5.56 7.61
N THR B 26 16.20 4.54 8.37
CA THR B 26 16.96 4.15 9.53
C THR B 26 17.88 3.02 9.10
N PRO B 27 18.90 2.80 9.90
CA PRO B 27 19.86 1.73 9.68
C PRO B 27 19.54 0.61 10.65
N LYS B 28 18.28 0.19 10.66
CA LYS B 28 17.84 -0.84 11.58
C LYS B 28 17.07 -1.94 10.86
N ILE B 29 17.13 -3.13 11.43
CA ILE B 29 16.35 -4.25 10.96
C ILE B 29 15.40 -4.57 12.09
N TYR B 30 14.12 -4.65 11.75
CA TYR B 30 13.07 -4.83 12.75
C TYR B 30 12.56 -6.24 12.66
N VAL B 31 12.58 -6.93 13.80
CA VAL B 31 12.10 -8.29 13.84
C VAL B 31 10.62 -8.23 14.16
N LEU B 32 9.81 -8.82 13.29
CA LEU B 32 8.36 -8.78 13.47
C LEU B 32 7.82 -10.19 13.56
N ASN B 33 6.90 -10.41 14.50
CA ASN B 33 6.07 -11.61 14.51
C ASN B 33 4.65 -11.18 14.23
N VAL B 34 4.21 -11.41 12.99
CA VAL B 34 3.01 -10.75 12.50
C VAL B 34 2.15 -11.66 11.68
N TYR B 35 0.88 -11.29 11.51
CA TYR B 35 -0.04 -12.06 10.68
C TYR B 35 0.03 -11.62 9.25
N ILE B 36 0.19 -12.57 8.33
CA ILE B 36 0.10 -12.24 6.90
C ILE B 36 -1.37 -12.25 6.53
N ILE B 37 -1.89 -11.13 6.04
CA ILE B 37 -3.33 -11.09 5.72
C ILE B 37 -3.65 -10.97 4.24
N ASP B 38 -2.67 -10.64 3.42
CA ASP B 38 -2.92 -10.57 1.98
C ASP B 38 -1.61 -10.73 1.27
N VAL B 39 -1.64 -11.40 0.13
CA VAL B 39 -0.49 -11.47 -0.73
C VAL B 39 -0.92 -11.14 -2.14
N GLU B 40 -0.12 -10.33 -2.83
CA GLU B 40 -0.41 -10.01 -4.20
C GLU B 40 0.82 -10.29 -5.03
N ILE B 41 0.62 -10.89 -6.19
CA ILE B 41 1.72 -11.20 -7.09
C ILE B 41 1.59 -10.39 -8.37
N VAL B 42 2.71 -9.79 -8.79
CA VAL B 42 2.76 -9.07 -10.06
C VAL B 42 3.71 -9.79 -11.01
N TYR B 43 3.15 -10.62 -11.88
CA TYR B 43 3.93 -11.44 -12.81
C TYR B 43 4.97 -12.26 -12.05
N ASP B 44 6.20 -12.28 -12.56
CA ASP B 44 7.30 -12.90 -11.85
C ASP B 44 8.28 -11.83 -11.37
N GLN B 45 7.74 -10.62 -11.21
CA GLN B 45 8.55 -9.45 -10.92
C GLN B 45 8.45 -8.97 -9.48
N GLU B 46 7.29 -9.16 -8.85
CA GLU B 46 7.10 -8.62 -7.51
C GLU B 46 6.10 -9.41 -6.67
N ILE B 47 6.40 -9.51 -5.37
CA ILE B 47 5.47 -10.08 -4.40
C ILE B 47 5.25 -9.04 -3.31
N ARG B 48 3.99 -8.74 -3.05
CA ARG B 48 3.65 -7.81 -1.97
C ARG B 48 2.86 -8.53 -0.89
N ILE B 49 3.35 -8.42 0.34
CA ILE B 49 2.77 -9.14 1.49
C ILE B 49 2.32 -8.11 2.52
N LYS B 50 1.02 -8.12 2.85
CA LYS B 50 0.51 -7.21 3.88
C LYS B 50 0.45 -7.93 5.24
N VAL B 51 1.00 -7.29 6.27
CA VAL B 51 1.04 -7.88 7.60
C VAL B 51 0.51 -6.92 8.66
N VAL B 52 -0.03 -7.50 9.72
CA VAL B 52 -0.60 -6.78 10.87
C VAL B 52 -0.14 -7.43 12.18
N ASN B 53 -0.12 -6.66 13.27
CA ASN B 53 0.27 -7.21 14.56
C ASN B 53 -0.82 -8.13 15.15
N GLU B 54 -2.08 -7.76 14.95
CA GLU B 54 -3.21 -8.55 15.46
C GLU B 54 -4.33 -8.64 14.43
N LEU B 55 -5.00 -9.79 14.35
CA LEU B 55 -6.17 -9.88 13.50
C LEU B 55 -7.28 -9.05 14.15
N PRO B 56 -8.10 -8.38 13.34
CA PRO B 56 -9.10 -7.49 13.96
C PRO B 56 -10.19 -8.27 14.71
N LEU B 57 -10.63 -7.72 15.84
CA LEU B 57 -11.71 -8.35 16.62
C LEU B 57 -13.07 -8.28 15.93
N VAL B 58 -14.06 -8.97 16.48
CA VAL B 58 -15.38 -9.05 15.86
C VAL B 58 -15.98 -7.70 15.49
N GLY B 59 -16.48 -7.58 14.27
CA GLY B 59 -17.06 -6.34 13.79
C GLY B 59 -16.10 -5.17 13.75
N LYS B 60 -14.80 -5.46 13.75
CA LYS B 60 -13.78 -4.41 13.67
C LYS B 60 -13.08 -4.39 12.32
N TYR B 61 -12.41 -3.28 12.01
CA TYR B 61 -11.70 -3.13 10.75
C TYR B 61 -10.23 -2.78 11.01
N VAL B 62 -9.38 -3.06 10.04
CA VAL B 62 -7.97 -2.63 10.14
C VAL B 62 -7.69 -1.40 9.26
N PRO B 63 -7.22 -0.32 9.89
CA PRO B 63 -6.93 0.89 9.10
C PRO B 63 -5.60 0.74 8.37
N PRO B 64 -5.39 1.53 7.32
CA PRO B 64 -4.16 1.36 6.53
C PRO B 64 -2.89 1.53 7.34
N VAL B 65 -2.90 2.38 8.36
CA VAL B 65 -1.66 2.64 9.08
C VAL B 65 -1.22 1.44 9.90
N ASP B 66 -2.13 0.51 10.16
CA ASP B 66 -1.80 -0.68 10.95
C ASP B 66 -1.31 -1.84 10.11
N ILE B 67 -1.16 -1.59 8.82
CA ILE B 67 -0.74 -2.61 7.87
C ILE B 67 0.64 -2.25 7.31
N LEU B 68 1.58 -3.19 7.38
CA LEU B 68 2.88 -2.99 6.78
C LEU B 68 2.88 -3.74 5.46
N GLU B 69 3.20 -3.03 4.37
CA GLU B 69 3.33 -3.66 3.08
C GLU B 69 4.79 -4.01 2.82
N VAL B 70 5.05 -5.30 2.70
CA VAL B 70 6.40 -5.83 2.56
C VAL B 70 6.62 -6.28 1.12
N TYR B 71 7.65 -5.75 0.49
CA TYR B 71 7.88 -5.98 -0.93
C TYR B 71 9.08 -6.85 -1.18
N ILE B 72 8.92 -7.82 -2.07
CA ILE B 72 10.03 -8.60 -2.57
C ILE B 72 10.08 -8.25 -4.05
N THR B 73 11.08 -7.48 -4.45
CA THR B 73 11.02 -6.81 -5.76
C THR B 73 12.21 -7.12 -6.65
N GLY B 74 11.93 -7.47 -7.91
CA GLY B 74 12.97 -7.77 -8.89
C GLY B 74 13.13 -9.27 -9.13
N LYS B 75 13.55 -9.63 -10.35
CA LYS B 75 13.69 -11.04 -10.70
C LYS B 75 14.58 -11.78 -9.71
N GLU B 76 15.68 -11.15 -9.30
CA GLU B 76 16.66 -11.78 -8.43
C GLU B 76 16.11 -12.06 -7.03
N GLU B 77 15.47 -11.07 -6.43
CA GLU B 77 14.87 -11.21 -5.10
C GLU B 77 13.73 -12.24 -5.11
N VAL B 78 12.91 -12.20 -6.15
CA VAL B 78 11.83 -13.17 -6.29
C VAL B 78 12.36 -14.59 -6.41
N GLN B 79 13.39 -14.78 -7.23
CA GLN B 79 13.98 -16.11 -7.37
C GLN B 79 14.64 -16.56 -6.08
N ASN B 80 15.31 -15.65 -5.38
CA ASN B 80 15.89 -16.02 -4.10
C ASN B 80 14.79 -16.45 -3.12
N PHE B 81 13.67 -15.73 -3.15
CA PHE B 81 12.55 -16.09 -2.30
C PHE B 81 11.98 -17.48 -2.62
N LEU B 82 11.86 -17.79 -3.92
CA LEU B 82 11.24 -19.04 -4.33
C LEU B 82 12.16 -20.26 -4.22
N GLY B 83 13.42 -20.08 -4.56
CA GLY B 83 14.29 -21.23 -4.71
C GLY B 83 13.77 -22.11 -5.84
N ASP B 84 13.61 -23.41 -5.57
CA ASP B 84 13.17 -24.38 -6.58
C ASP B 84 11.65 -24.51 -6.61
N GLU B 85 10.94 -23.40 -6.47
CA GLU B 85 9.50 -23.44 -6.40
C GLU B 85 8.88 -22.51 -7.44
N VAL B 86 7.81 -22.94 -8.08
CA VAL B 86 7.13 -22.12 -9.07
C VAL B 86 6.26 -21.06 -8.40
N LEU B 87 6.28 -19.85 -8.94
CA LEU B 87 5.53 -18.73 -8.37
C LEU B 87 4.04 -18.83 -8.70
N THR B 88 3.25 -19.31 -7.75
CA THR B 88 1.79 -19.31 -7.86
C THR B 88 1.17 -18.83 -6.56
N MET B 89 -0.07 -18.36 -6.60
CA MET B 89 -0.72 -17.88 -5.40
C MET B 89 -0.86 -19.01 -4.37
N ASP B 90 -0.94 -20.24 -4.86
CA ASP B 90 -1.19 -21.38 -3.99
C ASP B 90 -0.12 -21.56 -2.92
N ILE B 91 1.11 -21.15 -3.22
CA ILE B 91 2.17 -21.35 -2.22
C ILE B 91 1.96 -20.48 -0.99
N PHE B 92 1.17 -19.40 -1.13
CA PHE B 92 0.92 -18.53 0.00
C PHE B 92 -0.26 -18.95 0.90
N THR B 93 -1.13 -19.80 0.36
CA THR B 93 -2.34 -20.19 1.10
C THR B 93 -2.14 -20.65 2.55
N PRO B 94 -1.13 -21.51 2.80
CA PRO B 94 -0.93 -21.97 4.18
C PRO B 94 -0.46 -20.87 5.13
N LEU B 95 -0.01 -19.74 4.60
CA LEU B 95 0.52 -18.67 5.45
C LEU B 95 -0.53 -17.63 5.90
N LEU B 96 -1.70 -17.65 5.27
CA LEU B 96 -2.68 -16.57 5.49
C LEU B 96 -3.30 -16.64 6.88
N ASN B 97 -3.47 -15.48 7.50
CA ASN B 97 -4.12 -15.38 8.80
C ASN B 97 -3.44 -16.21 9.89
N GLU B 98 -2.13 -16.42 9.74
CA GLU B 98 -1.29 -17.03 10.75
C GLU B 98 -0.06 -16.17 10.94
N THR B 99 0.61 -16.30 12.08
CA THR B 99 1.83 -15.51 12.32
C THR B 99 3.07 -16.10 11.68
N SER B 100 3.93 -15.24 11.12
CA SER B 100 5.24 -15.62 10.64
C SER B 100 6.22 -14.61 11.22
N ARG B 101 7.47 -15.02 11.38
CA ARG B 101 8.49 -14.07 11.82
C ARG B 101 9.22 -13.56 10.60
N LEU B 102 9.29 -12.24 10.47
CA LEU B 102 9.96 -11.60 9.36
C LEU B 102 10.98 -10.62 9.93
N ARG B 103 12.03 -10.37 9.17
CA ARG B 103 12.99 -9.36 9.55
C ARG B 103 12.97 -8.37 8.39
N VAL B 104 12.61 -7.12 8.68
CA VAL B 104 12.38 -6.16 7.61
C VAL B 104 13.25 -4.90 7.77
N PHE B 105 13.45 -4.18 6.66
CA PHE B 105 14.20 -2.93 6.66
C PHE B 105 13.60 -1.99 5.61
N GLN B 106 13.91 -0.70 5.73
CA GLN B 106 13.45 0.29 4.76
C GLN B 106 14.34 0.29 3.52
N ARG B 107 13.72 0.02 2.38
CA ARG B 107 14.47 0.09 1.13
C ARG B 107 14.07 1.37 0.39
N PRO B 108 15.06 2.18 0.07
CA PRO B 108 14.81 3.42 -0.68
C PRO B 108 14.73 3.12 -2.18
N SER B 109 13.88 3.85 -2.90
CA SER B 109 13.80 3.68 -4.35
C SER B 109 14.46 4.86 -5.05
N ASP B 112 11.18 8.06 -7.41
CA ASP B 112 11.12 6.93 -6.49
C ASP B 112 11.49 7.36 -5.07
N ARG B 113 10.67 8.22 -4.48
CA ARG B 113 11.01 8.79 -3.16
C ARG B 113 10.15 8.15 -2.07
N ILE B 114 9.55 7.02 -2.40
CA ILE B 114 8.66 6.34 -1.48
C ILE B 114 9.47 5.31 -0.68
N ILE B 115 9.25 5.27 0.63
CA ILE B 115 9.94 4.25 1.41
C ILE B 115 9.16 2.95 1.29
N ARG B 116 9.87 1.86 0.97
CA ARG B 116 9.20 0.55 0.96
C ARG B 116 9.92 -0.39 1.90
N TRP B 117 9.15 -1.15 2.67
CA TRP B 117 9.68 -2.14 3.58
C TRP B 117 9.93 -3.44 2.83
N SER B 118 11.02 -4.10 3.17
CA SER B 118 11.45 -5.29 2.43
C SER B 118 11.97 -6.28 3.44
N PRO B 119 11.82 -7.58 3.16
CA PRO B 119 12.30 -8.60 4.12
C PRO B 119 13.71 -9.10 3.80
N ILE B 120 14.38 -9.63 4.82
CA ILE B 120 15.75 -10.11 4.67
C ILE B 120 15.83 -11.62 4.77
N GLU B 121 16.49 -12.25 3.80
CA GLU B 121 16.73 -13.70 3.82
C GLU B 121 15.41 -14.44 4.02
N CYS B 122 14.35 -13.91 3.40
CA CYS B 122 13.04 -14.53 3.50
C CYS B 122 12.88 -15.48 2.32
N THR B 123 12.49 -16.73 2.59
CA THR B 123 12.25 -17.69 1.52
C THR B 123 10.97 -18.45 1.78
N ILE B 124 10.36 -19.01 0.75
CA ILE B 124 9.12 -19.78 0.96
C ILE B 124 9.40 -21.06 1.76
N GLN B 125 10.56 -21.67 1.55
CA GLN B 125 10.94 -22.85 2.33
C GLN B 125 11.05 -22.51 3.81
N GLU B 126 11.66 -21.38 4.13
CA GLU B 126 11.80 -20.99 5.52
C GLU B 126 10.45 -20.66 6.19
N LEU B 127 9.55 -19.99 5.46
CA LEU B 127 8.22 -19.69 6.01
C LEU B 127 7.45 -20.99 6.23
N ARG B 128 7.64 -21.94 5.33
CA ARG B 128 6.99 -23.24 5.47
C ARG B 128 7.51 -23.96 6.71
N LEU B 129 8.81 -23.82 6.98
CA LEU B 129 9.41 -24.43 8.15
C LEU B 129 8.86 -23.80 9.42
N GLN B 130 8.70 -22.47 9.42
CA GLN B 130 8.11 -21.80 10.56
C GLN B 130 6.72 -22.35 10.87
N ARG B 131 5.93 -22.57 9.82
CA ARG B 131 4.59 -23.15 10.01
C ARG B 131 4.62 -24.52 10.65
N MET B 132 5.59 -25.34 10.25
CA MET B 132 5.73 -26.68 10.82
C MET B 132 6.03 -26.63 12.31
N PHE B 133 6.93 -25.73 12.70
CA PHE B 133 7.24 -25.57 14.11
C PHE B 133 5.99 -25.16 14.88
N ARG B 134 5.27 -24.18 14.33
CA ARG B 134 4.05 -23.70 14.95
C ARG B 134 3.03 -24.84 15.10
N LEU B 135 2.92 -25.68 14.09
CA LEU B 135 1.92 -26.75 14.10
C LEU B 135 2.36 -27.96 14.91
N ARG B 136 3.53 -27.88 15.53
CA ARG B 136 4.06 -28.97 16.35
C ARG B 136 4.47 -28.48 17.74
#